data_4NQ6
#
_entry.id   4NQ6
#
_cell.length_a   53.084
_cell.length_b   61.276
_cell.length_c   69.506
_cell.angle_alpha   90.00
_cell.angle_beta   93.04
_cell.angle_gamma   90.00
#
_symmetry.space_group_name_H-M   'C 1 2 1'
#
loop_
_entity.id
_entity.type
_entity.pdbx_description
1 polymer 'Beta-lactamase 2'
2 non-polymer 'ZINC ION'
3 non-polymer 'POTASSIUM ION'
4 non-polymer '(3S,5S,7aR)-5-(sulfanylmethyl)tetrahydro[1,3]thiazolo[4,3-b][1,3]thiazole-3-carboxylic acid'
5 water water
#
_entity_poly.entity_id   1
_entity_poly.type   'polypeptide(L)'
_entity_poly.pdbx_seq_one_letter_code
;KTVIKNETGTISISQLNKNVWVHTELGSFNGEAVPSNGLVLNTSKGLVLVDSSWDDKLTKELIEMVEKKFQKRVTDVIIT
HAHADRIGGIKTLKERGIKAHSTALTAELAKKNGYEEPLGDLQTVTNLKFGNMKVETFYPGKGHTEDNIVVWLPQYNILV
GGCLVKSTSAKDLGNVADAYVNEWSTSIENVLKRYRNINAVVPGHGEVGDKGLLLHTLDLLK
;
_entity_poly.pdbx_strand_id   A
#
loop_
_chem_comp.id
_chem_comp.type
_chem_comp.name
_chem_comp.formula
3R9 non-polymer '(3S,5S,7aR)-5-(sulfanylmethyl)tetrahydro[1,3]thiazolo[4,3-b][1,3]thiazole-3-carboxylic acid' 'C7 H11 N O2 S3'
K non-polymer 'POTASSIUM ION' 'K 1'
ZN non-polymer 'ZINC ION' 'Zn 2'
#
# COMPACT_ATOMS: atom_id res chain seq x y z
N LYS A 1 8.92 15.15 11.37
CA LYS A 1 8.44 14.97 12.77
C LYS A 1 6.93 14.62 12.80
N THR A 2 6.13 15.42 12.09
CA THR A 2 4.66 15.49 12.30
C THR A 2 3.91 14.13 12.31
N VAL A 3 3.44 13.72 13.48
CA VAL A 3 2.71 12.46 13.67
C VAL A 3 1.43 12.70 14.46
N ILE A 4 0.29 12.28 13.92
CA ILE A 4 -1.02 12.50 14.53
C ILE A 4 -1.59 11.13 14.79
N LYS A 5 -2.09 10.86 15.99
CA LYS A 5 -2.70 9.54 16.29
C LYS A 5 -4.18 9.66 16.52
N ASN A 6 -4.92 8.56 16.46
CA ASN A 6 -6.34 8.68 16.78
C ASN A 6 -6.53 8.56 18.31
N GLU A 7 -7.80 8.62 18.75
CA GLU A 7 -8.17 8.54 20.16
C GLU A 7 -7.52 7.31 20.79
N THR A 8 -7.97 6.12 20.36
CA THR A 8 -7.49 4.87 20.95
C THR A 8 -6.01 4.58 20.65
N GLY A 9 -5.36 5.37 19.81
CA GLY A 9 -3.95 5.17 19.49
C GLY A 9 -3.68 4.14 18.40
N THR A 10 -4.72 3.42 17.95
CA THR A 10 -4.63 2.38 16.89
C THR A 10 -4.24 2.85 15.49
N ILE A 11 -4.39 4.14 15.24
CA ILE A 11 -4.10 4.72 13.93
C ILE A 11 -3.23 5.92 14.08
N SER A 12 -2.29 6.01 13.15
CA SER A 12 -1.32 7.06 13.09
C SER A 12 -1.07 7.52 11.66
N ILE A 13 -0.76 8.79 11.50
CA ILE A 13 -0.35 9.31 10.21
C ILE A 13 0.85 10.20 10.46
N SER A 14 1.84 10.14 9.58
CA SER A 14 3.06 10.91 9.73
C SER A 14 3.51 11.43 8.40
N GLN A 15 3.78 12.72 8.38
CA GLN A 15 4.04 13.42 7.16
C GLN A 15 5.39 13.05 6.63
N LEU A 16 5.46 12.91 5.31
CA LEU A 16 6.65 12.81 4.54
C LEU A 16 6.90 14.09 3.79
N ASN A 17 5.86 14.75 3.32
CA ASN A 17 6.00 16.04 2.63
C ASN A 17 4.66 16.79 2.57
N LYS A 18 4.66 17.99 1.97
CA LYS A 18 3.47 18.89 2.02
C LYS A 18 2.13 18.18 1.69
N ASN A 19 2.17 17.23 0.75
CA ASN A 19 0.97 16.53 0.34
C ASN A 19 0.95 14.99 0.54
N VAL A 20 1.91 14.44 1.26
CA VAL A 20 2.07 12.99 1.33
C VAL A 20 2.36 12.56 2.74
N TRP A 21 1.47 11.72 3.29
CA TRP A 21 1.64 11.15 4.61
C TRP A 21 1.62 9.64 4.53
N VAL A 22 2.24 8.99 5.52
CA VAL A 22 2.09 7.58 5.73
C VAL A 22 0.97 7.35 6.73
N HIS A 23 0.06 6.46 6.44
CA HIS A 23 -0.78 5.95 7.48
C HIS A 23 -0.37 4.61 7.98
N THR A 24 -0.49 4.41 9.27
CA THR A 24 -0.16 3.13 9.87
C THR A 24 -1.21 2.69 10.84
N GLU A 25 -1.67 1.47 10.70
CA GLU A 25 -2.61 0.92 11.64
C GLU A 25 -2.12 -0.35 12.34
N LEU A 26 -2.38 -0.39 13.65
CA LEU A 26 -2.14 -1.59 14.42
C LEU A 26 -3.36 -2.41 14.23
N GLY A 27 -3.17 -3.60 13.70
CA GLY A 27 -4.23 -4.55 13.55
C GLY A 27 -3.84 -5.73 14.42
N SER A 28 -4.67 -6.77 14.30
CA SER A 28 -4.59 -7.99 15.08
C SER A 28 -4.25 -9.22 14.18
N PHE A 29 -3.03 -9.73 14.28
CA PHE A 29 -2.64 -10.93 13.54
C PHE A 29 -2.41 -12.12 14.52
N ASN A 30 -1.37 -12.95 14.32
CA ASN A 30 -1.22 -14.21 15.07
C ASN A 30 -0.05 -14.16 16.07
N GLY A 31 -0.28 -13.73 17.31
CA GLY A 31 -1.59 -13.29 17.83
C GLY A 31 -1.46 -11.97 18.54
N GLU A 32 -0.59 -11.10 18.01
CA GLU A 32 -0.19 -9.87 18.69
C GLU A 32 -0.71 -8.63 17.94
N ALA A 33 -0.18 -7.46 18.26
CA ALA A 33 -0.48 -6.26 17.48
C ALA A 33 0.51 -6.19 16.32
N VAL A 34 0.03 -5.89 15.12
CA VAL A 34 0.93 -5.86 13.94
C VAL A 34 0.66 -4.65 13.05
N PRO A 35 1.68 -3.81 12.81
CA PRO A 35 1.35 -2.62 12.06
C PRO A 35 1.38 -2.81 10.55
N SER A 36 0.52 -2.04 9.88
CA SER A 36 0.37 -2.07 8.44
C SER A 36 0.45 -0.63 7.93
N ASN A 37 1.25 -0.37 6.91
CA ASN A 37 1.31 0.94 6.30
C ASN A 37 0.59 1.12 4.97
N GLY A 38 0.20 2.38 4.73
CA GLY A 38 -0.19 2.90 3.43
C GLY A 38 0.17 4.37 3.27
N LEU A 39 -0.31 5.00 2.17
CA LEU A 39 -0.20 6.46 1.96
C LEU A 39 -1.56 7.18 1.87
N VAL A 40 -1.52 8.42 2.35
CA VAL A 40 -2.60 9.39 2.23
C VAL A 40 -2.01 10.51 1.39
N LEU A 41 -2.65 10.78 0.25
CA LEU A 41 -2.22 11.78 -0.70
C LEU A 41 -3.23 12.92 -0.66
N ASN A 42 -2.72 14.11 -0.34
CA ASN A 42 -3.59 15.25 -0.14
C ASN A 42 -3.48 15.98 -1.41
N THR A 43 -4.52 15.87 -2.23
CA THR A 43 -4.57 16.50 -3.54
C THR A 43 -5.68 17.49 -3.58
N SER A 44 -5.73 18.23 -4.66
CA SER A 44 -6.69 19.33 -4.76
C SER A 44 -8.05 18.83 -5.27
N LYS A 45 -8.13 17.60 -5.74
CA LYS A 45 -9.43 17.00 -6.06
C LYS A 45 -9.95 16.08 -4.93
N GLY A 46 -9.26 16.01 -3.80
CA GLY A 46 -9.61 15.11 -2.71
C GLY A 46 -8.41 14.32 -2.19
N LEU A 47 -8.70 13.48 -1.22
CA LEU A 47 -7.75 12.59 -0.62
C LEU A 47 -7.74 11.26 -1.37
N VAL A 48 -6.54 10.79 -1.65
CA VAL A 48 -6.38 9.46 -2.30
C VAL A 48 -5.54 8.62 -1.34
N LEU A 49 -5.99 7.38 -1.05
CA LEU A 49 -5.19 6.47 -0.24
C LEU A 49 -4.52 5.37 -1.09
N VAL A 50 -3.26 5.11 -0.75
CA VAL A 50 -2.57 3.93 -1.23
C VAL A 50 -2.72 2.95 -0.10
N ASP A 51 -3.60 2.00 -0.35
CA ASP A 51 -4.11 1.03 0.60
C ASP A 51 -5.02 1.65 1.70
N SER A 52 -6.01 0.88 2.11
CA SER A 52 -6.86 1.26 3.24
C SER A 52 -6.35 0.44 4.42
N SER A 53 -7.16 -0.34 5.14
CA SER A 53 -6.58 -1.02 6.31
C SER A 53 -7.12 -2.41 6.55
N TRP A 54 -6.79 -3.00 7.71
CA TRP A 54 -7.07 -4.41 8.06
C TRP A 54 -8.53 -4.84 7.92
N ASP A 55 -9.46 -4.00 8.37
CA ASP A 55 -10.85 -4.40 8.41
C ASP A 55 -11.68 -3.12 8.22
N ASP A 56 -12.99 -3.25 8.30
CA ASP A 56 -13.89 -2.11 8.03
C ASP A 56 -13.79 -1.05 9.11
N LYS A 57 -13.75 -1.47 10.37
CA LYS A 57 -13.65 -0.51 11.48
C LYS A 57 -12.44 0.42 11.38
N LEU A 58 -11.27 -0.13 11.12
CA LEU A 58 -10.07 0.66 10.98
C LEU A 58 -10.11 1.49 9.71
N THR A 59 -10.69 0.96 8.65
CA THR A 59 -10.74 1.75 7.40
C THR A 59 -11.66 2.97 7.58
N LYS A 60 -12.81 2.76 8.20
CA LYS A 60 -13.72 3.86 8.51
C LYS A 60 -13.05 4.90 9.37
N GLU A 61 -12.37 4.46 10.43
CA GLU A 61 -11.65 5.38 11.33
C GLU A 61 -10.59 6.14 10.59
N LEU A 62 -9.85 5.46 9.69
CA LEU A 62 -8.79 6.13 8.91
C LEU A 62 -9.43 7.25 8.09
N ILE A 63 -10.47 6.88 7.35
CA ILE A 63 -11.14 7.80 6.44
C ILE A 63 -11.62 9.02 7.24
N GLU A 64 -12.22 8.74 8.37
CA GLU A 64 -12.74 9.82 9.22
C GLU A 64 -11.68 10.76 9.73
N MET A 65 -10.55 10.19 10.10
CA MET A 65 -9.43 11.01 10.56
C MET A 65 -8.89 11.96 9.48
N VAL A 66 -8.67 11.48 8.27
CA VAL A 66 -8.02 12.27 7.23
C VAL A 66 -9.02 13.24 6.61
N GLU A 67 -10.27 12.79 6.56
CA GLU A 67 -11.34 13.73 6.12
C GLU A 67 -11.47 14.97 7.02
N LYS A 68 -11.54 14.72 8.32
CA LYS A 68 -11.56 15.78 9.30
C LYS A 68 -10.33 16.66 9.19
N LYS A 69 -9.16 16.05 9.26
CA LYS A 69 -7.90 16.82 9.18
C LYS A 69 -7.69 17.62 7.94
N PHE A 70 -7.83 17.02 6.75
CA PHE A 70 -7.55 17.75 5.52
C PHE A 70 -8.73 18.45 4.89
N GLN A 71 -9.90 18.28 5.47
CA GLN A 71 -11.07 19.03 5.00
C GLN A 71 -11.39 18.81 3.55
N LYS A 72 -11.39 17.53 3.16
CA LYS A 72 -11.83 17.11 1.84
C LYS A 72 -12.17 15.64 1.89
N ARG A 73 -12.81 15.11 0.85
CA ARG A 73 -13.27 13.71 0.87
C ARG A 73 -12.19 12.78 0.35
N VAL A 74 -12.18 11.57 0.89
CA VAL A 74 -11.43 10.46 0.26
C VAL A 74 -12.21 10.07 -0.98
N THR A 75 -11.57 10.15 -2.13
CA THR A 75 -12.23 9.88 -3.38
C THR A 75 -11.87 8.54 -4.01
N ASP A 76 -10.65 8.08 -3.75
CA ASP A 76 -9.98 6.97 -4.46
C ASP A 76 -9.09 6.26 -3.47
N VAL A 77 -9.00 4.93 -3.64
CA VAL A 77 -8.02 4.09 -3.00
C VAL A 77 -7.38 3.14 -4.03
N ILE A 78 -6.05 2.95 -3.89
CA ILE A 78 -5.26 1.98 -4.61
C ILE A 78 -4.94 0.79 -3.69
N ILE A 79 -5.46 -0.38 -4.08
CA ILE A 79 -5.35 -1.62 -3.33
C ILE A 79 -4.21 -2.45 -3.90
N THR A 80 -3.19 -2.69 -3.11
CA THR A 80 -1.94 -3.19 -3.67
C THR A 80 -1.80 -4.75 -3.72
N HIS A 81 -2.64 -5.50 -2.99
CA HIS A 81 -2.92 -6.91 -3.27
C HIS A 81 -4.14 -7.38 -2.46
N ALA A 82 -4.47 -8.67 -2.56
CA ALA A 82 -5.76 -9.17 -2.11
C ALA A 82 -5.73 -9.87 -0.76
N HIS A 83 -4.68 -9.73 -0.01
CA HIS A 83 -4.72 -10.17 1.37
C HIS A 83 -5.64 -9.25 2.17
N ALA A 84 -6.24 -9.86 3.21
CA ALA A 84 -7.11 -9.18 4.14
C ALA A 84 -6.51 -7.87 4.64
N ASP A 85 -5.21 -7.85 4.90
CA ASP A 85 -4.54 -6.60 5.36
C ASP A 85 -4.77 -5.36 4.46
N ARG A 86 -4.82 -5.59 3.15
CA ARG A 86 -5.04 -4.54 2.12
C ARG A 86 -6.52 -4.40 1.65
N ILE A 87 -7.22 -5.53 1.48
CA ILE A 87 -8.58 -5.57 0.92
C ILE A 87 -9.70 -5.47 2.02
N GLY A 88 -9.32 -5.65 3.29
CA GLY A 88 -10.27 -5.80 4.41
C GLY A 88 -11.31 -4.71 4.58
N GLY A 89 -10.98 -3.48 4.17
CA GLY A 89 -11.95 -2.37 4.23
C GLY A 89 -12.77 -2.13 2.99
N ILE A 90 -12.76 -3.08 2.04
CA ILE A 90 -13.40 -2.89 0.75
C ILE A 90 -14.88 -2.56 0.86
N LYS A 91 -15.59 -3.21 1.77
CA LYS A 91 -17.00 -2.96 1.89
C LYS A 91 -17.31 -1.49 2.28
N THR A 92 -16.53 -0.95 3.20
CA THR A 92 -16.58 0.46 3.56
C THR A 92 -16.37 1.39 2.36
N LEU A 93 -15.33 1.12 1.60
CA LEU A 93 -15.09 1.91 0.39
C LEU A 93 -16.31 1.87 -0.57
N LYS A 94 -16.81 0.67 -0.91
CA LYS A 94 -17.80 0.57 -1.96
C LYS A 94 -19.09 1.25 -1.53
N GLU A 95 -19.43 1.06 -0.28
CA GLU A 95 -20.66 1.63 0.21
C GLU A 95 -20.59 3.18 0.32
N ARG A 96 -19.39 3.77 0.42
CA ARG A 96 -19.26 5.24 0.51
C ARG A 96 -19.03 5.89 -0.86
N GLY A 97 -18.99 5.09 -1.92
CA GLY A 97 -18.73 5.60 -3.21
C GLY A 97 -17.26 6.02 -3.41
N ILE A 98 -16.33 5.42 -2.64
CA ILE A 98 -14.90 5.53 -2.86
C ILE A 98 -14.42 4.55 -3.91
N LYS A 99 -13.74 5.05 -4.93
CA LYS A 99 -13.28 4.21 -6.06
C LYS A 99 -12.09 3.36 -5.57
N ALA A 100 -12.18 2.03 -5.71
CA ALA A 100 -11.15 1.13 -5.25
C ALA A 100 -10.44 0.53 -6.43
N HIS A 101 -9.28 1.09 -6.78
CA HIS A 101 -8.54 0.66 -7.92
C HIS A 101 -7.74 -0.57 -7.60
N SER A 102 -7.61 -1.47 -8.58
CA SER A 102 -6.71 -2.62 -8.43
C SER A 102 -6.45 -3.19 -9.80
N THR A 103 -5.52 -4.16 -9.89
CA THR A 103 -5.41 -4.90 -11.09
C THR A 103 -6.60 -5.84 -11.22
N ALA A 104 -6.76 -6.40 -12.38
CA ALA A 104 -7.78 -7.45 -12.58
C ALA A 104 -7.56 -8.68 -11.72
N LEU A 105 -6.29 -9.04 -11.59
CA LEU A 105 -5.88 -10.24 -10.85
C LEU A 105 -6.14 -10.08 -9.36
N THR A 106 -5.79 -8.93 -8.80
CA THR A 106 -6.18 -8.57 -7.46
C THR A 106 -7.72 -8.61 -7.28
N ALA A 107 -8.49 -8.12 -8.25
CA ALA A 107 -9.96 -8.19 -8.17
C ALA A 107 -10.47 -9.64 -8.15
N GLU A 108 -9.89 -10.45 -9.01
CA GLU A 108 -10.25 -11.88 -9.17
CA GLU A 108 -10.34 -11.85 -9.09
C GLU A 108 -9.94 -12.59 -7.83
N LEU A 109 -8.73 -12.33 -7.32
CA LEU A 109 -8.31 -12.91 -6.06
C LEU A 109 -9.20 -12.47 -4.89
N ALA A 110 -9.53 -11.18 -4.77
CA ALA A 110 -10.45 -10.72 -3.74
C ALA A 110 -11.76 -11.55 -3.73
N LYS A 111 -12.36 -11.67 -4.89
CA LYS A 111 -13.61 -12.42 -5.05
C LYS A 111 -13.43 -13.90 -4.74
N LYS A 112 -12.30 -14.48 -5.13
CA LYS A 112 -12.07 -15.85 -4.83
C LYS A 112 -11.96 -16.03 -3.32
N ASN A 113 -11.44 -15.03 -2.61
CA ASN A 113 -11.34 -15.12 -1.19
C ASN A 113 -12.60 -14.59 -0.47
N GLY A 114 -13.63 -14.29 -1.24
CA GLY A 114 -14.95 -13.87 -0.70
C GLY A 114 -15.11 -12.41 -0.31
N TYR A 115 -14.31 -11.53 -0.90
CA TYR A 115 -14.46 -10.12 -0.66
C TYR A 115 -15.21 -9.52 -1.85
N GLU A 116 -15.78 -8.33 -1.61
CA GLU A 116 -16.29 -7.49 -2.66
C GLU A 116 -15.14 -7.03 -3.51
N GLU A 117 -15.46 -6.80 -4.78
CA GLU A 117 -14.45 -6.62 -5.75
C GLU A 117 -14.09 -5.13 -5.95
N PRO A 118 -12.80 -4.83 -5.89
CA PRO A 118 -12.32 -3.57 -6.47
C PRO A 118 -12.42 -3.53 -7.99
N LEU A 119 -11.93 -2.44 -8.58
CA LEU A 119 -12.34 -2.12 -9.96
C LEU A 119 -11.69 -2.99 -11.00
N GLY A 120 -10.52 -3.55 -10.70
CA GLY A 120 -9.79 -4.25 -11.65
C GLY A 120 -9.36 -3.45 -12.86
N ASP A 121 -9.09 -2.18 -12.68
CA ASP A 121 -8.81 -1.23 -13.78
C ASP A 121 -7.36 -0.96 -14.14
N LEU A 122 -6.46 -1.31 -13.21
CA LEU A 122 -5.03 -1.10 -13.35
C LEU A 122 -4.41 -2.13 -14.23
N GLN A 123 -3.57 -1.68 -15.18
CA GLN A 123 -2.81 -2.55 -16.05
C GLN A 123 -1.43 -2.76 -15.42
N THR A 124 -0.48 -3.26 -16.21
CA THR A 124 0.88 -3.49 -15.67
C THR A 124 1.57 -2.21 -15.28
N VAL A 125 1.36 -1.22 -16.13
CA VAL A 125 1.72 0.15 -15.83
C VAL A 125 0.50 1.09 -16.01
N THR A 126 0.12 1.80 -14.96
CA THR A 126 -1.02 2.72 -15.04
C THR A 126 -0.62 4.06 -14.51
N ASN A 127 -0.93 5.10 -15.27
CA ASN A 127 -0.62 6.44 -14.86
C ASN A 127 -1.91 7.20 -14.56
N LEU A 128 -2.07 7.61 -13.31
CA LEU A 128 -3.22 8.32 -12.76
C LEU A 128 -2.78 9.72 -12.37
N LYS A 129 -3.71 10.66 -12.35
CA LYS A 129 -3.46 11.99 -11.85
C LYS A 129 -4.68 12.47 -11.10
N PHE A 130 -4.50 12.92 -9.89
CA PHE A 130 -5.59 13.43 -9.09
C PHE A 130 -5.24 14.85 -8.64
N GLY A 131 -5.99 15.84 -9.11
CA GLY A 131 -5.61 17.24 -8.90
C GLY A 131 -4.26 17.37 -9.56
N ASN A 132 -3.27 17.86 -8.81
CA ASN A 132 -1.95 17.96 -9.42
C ASN A 132 -1.05 16.74 -9.15
N MET A 133 -1.56 15.77 -8.40
CA MET A 133 -0.80 14.60 -7.91
C MET A 133 -0.71 13.46 -8.93
N LYS A 134 0.51 13.07 -9.25
CA LYS A 134 0.74 12.12 -10.28
C LYS A 134 1.02 10.80 -9.55
N VAL A 135 0.41 9.75 -10.02
CA VAL A 135 0.53 8.45 -9.38
C VAL A 135 0.66 7.40 -10.47
N GLU A 136 1.76 6.64 -10.39
CA GLU A 136 1.97 5.52 -11.25
C GLU A 136 1.81 4.24 -10.43
N THR A 137 1.11 3.30 -11.03
CA THR A 137 1.08 1.91 -10.47
C THR A 137 1.81 0.95 -11.41
N PHE A 138 2.51 0.02 -10.78
CA PHE A 138 3.43 -0.91 -11.48
C PHE A 138 3.29 -2.30 -10.90
N TYR A 139 2.96 -3.24 -11.78
CA TYR A 139 3.05 -4.65 -11.46
C TYR A 139 4.39 -5.23 -11.88
N PRO A 140 5.27 -5.56 -10.90
CA PRO A 140 6.62 -6.02 -11.30
C PRO A 140 6.78 -7.51 -11.50
N GLY A 141 5.70 -8.26 -11.30
CA GLY A 141 5.75 -9.69 -11.21
C GLY A 141 5.40 -10.20 -9.78
N LYS A 142 5.46 -11.52 -9.64
CA LYS A 142 5.06 -12.17 -8.42
C LYS A 142 6.11 -12.07 -7.37
N GLY A 143 5.66 -12.12 -6.11
CA GLY A 143 6.62 -12.01 -5.03
C GLY A 143 6.01 -12.40 -3.73
N HIS A 144 5.74 -11.42 -2.88
CA HIS A 144 5.02 -11.65 -1.64
C HIS A 144 3.65 -12.34 -1.91
N THR A 145 2.97 -11.94 -2.99
CA THR A 145 1.83 -12.64 -3.54
C THR A 145 1.94 -12.59 -5.06
N GLU A 146 1.08 -13.35 -5.69
CA GLU A 146 0.97 -13.38 -7.14
CA GLU A 146 1.03 -13.38 -7.15
C GLU A 146 0.69 -12.01 -7.79
N ASP A 147 -0.12 -11.19 -7.07
CA ASP A 147 -0.74 -10.00 -7.62
C ASP A 147 -0.12 -8.64 -7.19
N ASN A 148 0.88 -8.73 -6.33
CA ASN A 148 1.38 -7.54 -5.62
C ASN A 148 1.84 -6.46 -6.61
N ILE A 149 1.34 -5.25 -6.39
CA ILE A 149 1.80 -4.05 -7.15
C ILE A 149 2.59 -3.07 -6.27
N VAL A 150 3.39 -2.25 -6.93
CA VAL A 150 3.96 -1.07 -6.24
C VAL A 150 3.36 0.26 -6.77
N VAL A 151 3.50 1.32 -5.98
CA VAL A 151 2.97 2.62 -6.36
C VAL A 151 4.15 3.64 -6.28
N TRP A 152 4.26 4.39 -7.36
CA TRP A 152 5.32 5.41 -7.51
C TRP A 152 4.70 6.78 -7.67
N LEU A 153 5.27 7.73 -6.91
CA LEU A 153 4.93 9.12 -7.03
C LEU A 153 6.09 9.88 -7.71
N PRO A 154 5.99 10.07 -9.02
CA PRO A 154 7.11 10.57 -9.76
C PRO A 154 7.54 11.99 -9.36
N GLN A 155 6.65 12.81 -8.81
CA GLN A 155 6.98 14.16 -8.36
C GLN A 155 7.78 14.20 -7.10
N TYR A 156 7.80 13.09 -6.35
CA TYR A 156 8.58 13.05 -5.12
C TYR A 156 9.68 11.96 -5.03
N ASN A 157 9.78 11.15 -6.08
CA ASN A 157 10.55 9.89 -6.10
C ASN A 157 10.31 9.02 -4.87
N ILE A 158 9.02 8.84 -4.55
CA ILE A 158 8.59 8.08 -3.42
C ILE A 158 7.89 6.77 -3.97
N LEU A 159 8.36 5.66 -3.44
CA LEU A 159 7.91 4.32 -3.82
C LEU A 159 7.18 3.71 -2.61
N VAL A 160 5.94 3.34 -2.85
CA VAL A 160 5.18 2.50 -1.92
C VAL A 160 5.45 1.07 -2.32
N GLY A 161 6.21 0.39 -1.47
CA GLY A 161 6.66 -0.96 -1.75
C GLY A 161 5.57 -1.99 -1.46
N GLY A 162 4.66 -1.68 -0.54
CA GLY A 162 3.71 -2.69 -0.09
C GLY A 162 4.44 -3.92 0.47
N CYS A 163 3.75 -5.05 0.51
CA CYS A 163 4.32 -6.22 1.17
C CYS A 163 5.44 -6.93 0.38
N LEU A 164 5.64 -6.54 -0.88
CA LEU A 164 6.77 -6.93 -1.67
C LEU A 164 8.07 -6.51 -1.01
N VAL A 165 8.01 -5.45 -0.21
CA VAL A 165 9.24 -4.85 0.30
C VAL A 165 9.26 -4.89 1.79
N LYS A 166 10.28 -5.53 2.34
CA LYS A 166 10.45 -5.71 3.80
C LYS A 166 11.18 -4.55 4.47
N SER A 167 10.79 -4.20 5.69
CA SER A 167 11.50 -3.14 6.40
C SER A 167 12.82 -3.73 6.99
N THR A 168 13.71 -2.84 7.42
CA THR A 168 14.97 -3.27 8.04
C THR A 168 14.72 -4.19 9.20
N SER A 169 13.75 -3.87 10.01
CA SER A 169 13.50 -4.65 11.17
C SER A 169 13.06 -6.09 10.83
N ALA A 170 12.49 -6.31 9.63
CA ALA A 170 12.01 -7.65 9.24
C ALA A 170 13.22 -8.54 8.99
N LYS A 171 13.26 -9.66 9.71
CA LYS A 171 14.44 -10.55 9.65
C LYS A 171 14.16 -11.87 8.90
N ASP A 172 12.97 -11.99 8.33
CA ASP A 172 12.59 -13.11 7.48
C ASP A 172 11.56 -12.61 6.49
N LEU A 173 11.07 -13.48 5.62
CA LEU A 173 10.09 -13.07 4.63
C LEU A 173 8.62 -12.99 5.12
N GLY A 174 8.32 -13.39 6.35
CA GLY A 174 6.92 -13.29 6.84
C GLY A 174 6.15 -14.51 6.38
N ASN A 175 4.86 -14.39 6.14
CA ASN A 175 4.13 -15.57 5.68
C ASN A 175 4.34 -15.72 4.18
N VAL A 176 4.86 -16.88 3.79
CA VAL A 176 5.18 -17.18 2.42
C VAL A 176 4.20 -18.18 1.75
N ALA A 177 3.09 -18.52 2.39
CA ALA A 177 2.15 -19.48 1.80
C ALA A 177 1.64 -19.06 0.40
N ASP A 178 1.46 -17.76 0.20
CA ASP A 178 0.96 -17.16 -1.08
C ASP A 178 2.07 -16.56 -1.89
N ALA A 179 3.30 -16.83 -1.48
CA ALA A 179 4.48 -16.21 -2.08
C ALA A 179 5.14 -17.08 -3.18
N TYR A 180 6.03 -16.43 -3.95
CA TYR A 180 6.74 -16.95 -5.04
C TYR A 180 8.21 -16.53 -4.87
N VAL A 181 8.95 -17.31 -4.09
CA VAL A 181 10.28 -16.87 -3.63
C VAL A 181 11.30 -16.88 -4.75
N ASN A 182 11.10 -17.71 -5.80
CA ASN A 182 11.97 -17.57 -6.97
C ASN A 182 11.75 -16.30 -7.73
N GLU A 183 10.50 -16.02 -8.05
CA GLU A 183 10.21 -14.82 -8.84
CA GLU A 183 10.07 -14.83 -8.80
C GLU A 183 10.31 -13.51 -8.06
N TRP A 184 10.21 -13.54 -6.71
CA TRP A 184 10.26 -12.33 -5.89
C TRP A 184 11.54 -11.53 -6.16
N SER A 185 12.69 -12.22 -6.31
CA SER A 185 13.95 -11.48 -6.61
C SER A 185 13.91 -10.73 -7.95
N THR A 186 13.42 -11.38 -8.98
CA THR A 186 13.24 -10.73 -10.23
C THR A 186 12.30 -9.54 -10.14
N SER A 187 11.22 -9.68 -9.37
CA SER A 187 10.25 -8.61 -9.21
C SER A 187 10.86 -7.41 -8.62
N ILE A 188 11.67 -7.64 -7.59
CA ILE A 188 12.33 -6.57 -6.89
C ILE A 188 13.34 -5.92 -7.84
N GLU A 189 14.03 -6.74 -8.65
CA GLU A 189 14.96 -6.18 -9.66
C GLU A 189 14.23 -5.33 -10.67
N ASN A 190 13.02 -5.74 -11.07
CA ASN A 190 12.19 -4.98 -11.99
C ASN A 190 11.85 -3.59 -11.46
N VAL A 191 11.58 -3.52 -10.14
CA VAL A 191 11.41 -2.22 -9.42
C VAL A 191 12.71 -1.38 -9.46
N LEU A 192 13.85 -1.99 -9.11
CA LEU A 192 15.15 -1.30 -9.07
C LEU A 192 15.52 -0.78 -10.46
N LYS A 193 15.17 -1.56 -11.47
CA LYS A 193 15.39 -1.16 -12.87
C LYS A 193 14.50 -0.01 -13.34
N ARG A 194 13.24 -0.03 -12.97
CA ARG A 194 12.28 1.00 -13.40
C ARG A 194 12.49 2.33 -12.69
N TYR A 195 12.80 2.26 -11.40
CA TYR A 195 12.95 3.46 -10.56
C TYR A 195 14.35 3.55 -10.02
N ARG A 196 15.21 4.18 -10.83
CA ARG A 196 16.66 4.27 -10.54
C ARG A 196 17.08 5.30 -9.46
N ASN A 197 16.23 6.27 -9.18
CA ASN A 197 16.58 7.23 -8.15
C ASN A 197 15.38 7.36 -7.23
N ILE A 198 15.51 6.85 -6.01
CA ILE A 198 14.39 6.77 -5.08
C ILE A 198 14.71 7.55 -3.82
N ASN A 199 13.81 8.46 -3.46
CA ASN A 199 13.93 9.28 -2.28
C ASN A 199 13.54 8.58 -1.03
N ALA A 200 12.45 7.81 -1.06
CA ALA A 200 11.95 7.12 0.09
C ALA A 200 11.21 5.87 -0.35
N VAL A 201 11.24 4.82 0.47
CA VAL A 201 10.50 3.56 0.16
C VAL A 201 9.70 3.20 1.38
N VAL A 202 8.38 3.08 1.18
CA VAL A 202 7.44 2.64 2.22
C VAL A 202 7.19 1.13 2.13
N PRO A 203 7.61 0.38 3.16
CA PRO A 203 7.42 -1.04 3.16
C PRO A 203 5.97 -1.29 3.56
N GLY A 204 5.48 -2.49 3.33
CA GLY A 204 4.10 -2.87 3.70
C GLY A 204 3.90 -2.73 5.23
N HIS A 205 4.92 -3.11 5.97
CA HIS A 205 4.98 -3.07 7.41
C HIS A 205 6.36 -2.51 7.81
N GLY A 206 6.38 -1.58 8.76
CA GLY A 206 7.64 -1.19 9.43
C GLY A 206 8.05 0.18 9.00
N GLU A 207 9.29 0.56 9.27
CA GLU A 207 9.65 1.97 9.18
C GLU A 207 10.00 2.28 7.75
N VAL A 208 9.72 3.51 7.31
CA VAL A 208 10.13 4.04 6.00
C VAL A 208 11.66 3.98 5.86
N GLY A 209 12.15 3.61 4.67
CA GLY A 209 13.59 3.54 4.40
C GLY A 209 13.85 4.13 3.05
N ASP A 210 14.86 3.60 2.36
CA ASP A 210 15.19 4.02 1.03
CA ASP A 210 15.14 4.01 0.97
C ASP A 210 15.40 2.76 0.18
N LYS A 211 16.09 2.90 -0.93
CA LYS A 211 16.48 1.78 -1.80
C LYS A 211 17.07 0.55 -1.07
N GLY A 212 17.71 0.82 0.05
CA GLY A 212 18.29 -0.23 0.87
C GLY A 212 17.26 -1.27 1.32
N LEU A 213 16.00 -0.89 1.45
CA LEU A 213 14.95 -1.82 1.83
C LEU A 213 14.73 -2.88 0.74
N LEU A 214 14.95 -2.47 -0.54
CA LEU A 214 14.78 -3.41 -1.65
C LEU A 214 15.99 -4.40 -1.64
N LEU A 215 17.17 -3.86 -1.41
CA LEU A 215 18.39 -4.68 -1.23
C LEU A 215 18.27 -5.58 -0.04
N HIS A 216 17.69 -5.11 1.06
CA HIS A 216 17.40 -5.96 2.19
C HIS A 216 16.46 -7.12 1.79
N THR A 217 15.41 -6.80 1.04
CA THR A 217 14.51 -7.84 0.60
C THR A 217 15.21 -8.92 -0.20
N LEU A 218 16.07 -8.52 -1.15
CA LEU A 218 16.89 -9.47 -1.92
C LEU A 218 17.72 -10.38 -1.03
N ASP A 219 18.31 -9.85 0.03
CA ASP A 219 19.11 -10.68 0.91
C ASP A 219 18.30 -11.69 1.65
N LEU A 220 17.12 -11.27 2.06
CA LEU A 220 16.24 -12.14 2.82
C LEU A 220 15.74 -13.28 1.97
N LEU A 221 15.76 -13.10 0.67
CA LEU A 221 15.41 -14.12 -0.30
C LEU A 221 16.52 -15.16 -0.61
N LYS A 222 17.73 -14.93 -0.11
CA LYS A 222 18.83 -15.83 -0.46
C LYS A 222 18.77 -17.06 0.40
ZN ZN B . 0.01 -9.69 1.94
ZN ZN C . 1.79 -7.63 4.59
K K D . 5.12 18.05 -12.56
O 3R9 E . 4.67 -10.51 5.39
N 3R9 E . 1.24 -9.68 6.25
C 3R9 E . 3.64 -9.83 5.44
OXT 3R9 E . 3.38 -8.85 4.67
CA 3R9 E . 2.59 -10.31 6.52
CB 3R9 E . 3.05 -10.07 7.99
SAH 3R9 E . 1.83 -8.97 8.70
CAM 3R9 E . 0.55 -9.09 7.46
CAF 3R9 E . -0.51 -10.00 7.99
SAG 3R9 E . 0.04 -11.52 7.18
CAJ 3R9 E . 0.41 -10.73 5.64
CAD 3R9 E . -0.79 -10.16 4.95
SAC 3R9 E . -0.21 -8.69 4.03
#